data_8HYS
#
_entry.id   8HYS
#
_cell.length_a   77.039
_cell.length_b   83.931
_cell.length_c   62.417
_cell.angle_alpha   90.00
_cell.angle_beta   100.32
_cell.angle_gamma   90.00
#
_symmetry.space_group_name_H-M   'C 1 2 1'
#
loop_
_entity.id
_entity.type
_entity.pdbx_description
1 polymer '4-hydroxyphenylpyruvate dioxygenase'
2 non-polymer 'COBALT (II) ION'
3 non-polymer 1-methyl-3-[2-methyl-6-methylsulfonyl-3-(2-oxidanyl-6-oxidanylidene-cyclohexen-1-yl)carbonyl-phenyl]-6-(trifluoromethyl)pyrimidine-2,4-dione
4 water water
#
_entity_poly.entity_id   1
_entity_poly.type   'polypeptide(L)'
_entity_poly.pdbx_seq_one_letter_code
;GSHMVRKNPKSDKFKVKRFHHIEFWCGDATNVARRFSWGLGMRFSAKSDLSTGNMVHASYLLTSGDLRFLFTAPYSPSLS
AGEIKPTTTASIPSFDHGSCRSFFSSHGLGVRAVAIEVEDAESAFSISVANGAIPSSPPIVLNEAVTIAEVKLYGDVVLR
YVSYKAEDTEKSEFLPGFERVEDASSFPLDYGIRRLDHAVGNVPELGPALTYVAGFTGFHQFAEFTADDVGTAESGLNSA
VLASNDEMVLLPINEPVHGTKRKSQIQTYLEHNEGAGLQHLALMSEDIFRTLREMRKRSSIGGFDFMPSPPPTYYQNLKK
RVGDVLSDDQIKECEELGILVDRDDQGTLLQIFTKPLGDRPTIFIEIIQRVGCMMKDEEGKAYQSGGCGGFGKGNFSELF
KSIEEYEKTLEAKQLVG
;
_entity_poly.pdbx_strand_id   A
#
loop_
_chem_comp.id
_chem_comp.type
_chem_comp.name
_chem_comp.formula
CO non-polymer 'COBALT (II) ION' 'Co 2'
O1O non-polymer 1-methyl-3-[2-methyl-6-methylsulfonyl-3-(2-oxidanyl-6-oxidanylidene-cyclohexen-1-yl)carbonyl-phenyl]-6-(trifluoromethyl)pyrimidine-2,4-dione 'C21 H19 F3 N2 O7 S'
#
# COMPACT_ATOMS: atom_id res chain seq x y z
N LYS A 7 -15.51 -14.38 -12.63
CA LYS A 7 -16.08 -13.52 -13.66
C LYS A 7 -15.58 -12.09 -13.52
N ASN A 8 -15.29 -11.45 -14.65
CA ASN A 8 -14.76 -10.09 -14.68
C ASN A 8 -15.56 -9.28 -15.69
N PRO A 9 -16.51 -8.46 -15.25
CA PRO A 9 -17.35 -7.71 -16.20
C PRO A 9 -16.65 -6.53 -16.86
N LYS A 10 -15.40 -6.21 -16.49
CA LYS A 10 -14.64 -5.11 -17.07
C LYS A 10 -15.45 -3.81 -17.07
N SER A 11 -15.90 -3.42 -15.88
CA SER A 11 -16.87 -2.34 -15.74
C SER A 11 -16.25 -1.01 -15.30
N ASP A 12 -14.93 -0.86 -15.36
CA ASP A 12 -14.29 0.40 -15.00
C ASP A 12 -14.97 1.56 -15.72
N LYS A 13 -15.30 2.62 -14.96
CA LYS A 13 -15.98 3.75 -15.57
C LYS A 13 -15.03 4.71 -16.25
N PHE A 14 -13.72 4.50 -16.10
CA PHE A 14 -12.69 5.26 -16.79
C PHE A 14 -11.44 4.39 -16.87
N LYS A 15 -10.54 4.76 -17.78
CA LYS A 15 -9.38 3.91 -18.07
C LYS A 15 -8.34 4.05 -16.95
N VAL A 16 -8.06 2.94 -16.29
CA VAL A 16 -7.11 2.87 -15.19
C VAL A 16 -5.89 2.09 -15.66
N LYS A 17 -4.70 2.59 -15.32
CA LYS A 17 -3.48 1.92 -15.73
C LYS A 17 -2.92 1.10 -14.57
N ARG A 18 -2.01 1.67 -13.79
CA ARG A 18 -1.41 0.92 -12.70
C ARG A 18 -1.37 1.78 -11.45
N PHE A 19 -1.11 1.14 -10.32
CA PHE A 19 -0.72 1.89 -9.12
C PHE A 19 0.44 2.80 -9.48
N HIS A 20 0.40 4.03 -9.00
CA HIS A 20 1.42 5.01 -9.32
C HIS A 20 2.33 5.30 -8.13
N HIS A 21 1.73 5.68 -7.00
CA HIS A 21 2.54 5.90 -5.80
C HIS A 21 1.64 5.81 -4.57
N ILE A 22 2.30 5.73 -3.42
CA ILE A 22 1.64 5.77 -2.12
C ILE A 22 2.25 6.94 -1.38
N GLU A 23 1.41 7.80 -0.79
CA GLU A 23 1.94 8.93 -0.03
C GLU A 23 1.60 8.80 1.44
N PHE A 24 2.66 8.81 2.27
CA PHE A 24 2.55 8.86 3.72
C PHE A 24 2.54 10.31 4.17
N TRP A 25 1.63 10.65 5.08
CA TRP A 25 1.68 11.93 5.75
C TRP A 25 2.36 11.76 7.09
N CYS A 26 3.37 12.59 7.34
CA CYS A 26 4.39 12.40 8.38
C CYS A 26 4.44 13.65 9.22
N GLY A 27 5.11 13.54 10.38
CA GLY A 27 5.41 14.75 11.08
C GLY A 27 6.78 15.29 10.66
N ASP A 28 7.69 14.36 10.43
CA ASP A 28 9.02 14.66 9.88
C ASP A 28 9.26 13.68 8.73
N ALA A 29 9.25 14.20 7.50
CA ALA A 29 9.38 13.31 6.35
C ALA A 29 10.78 12.75 6.24
N THR A 30 11.80 13.52 6.63
CA THR A 30 13.18 13.09 6.50
C THR A 30 13.44 11.80 7.25
N ASN A 31 13.06 11.75 8.53
CA ASN A 31 13.37 10.58 9.35
C ASN A 31 12.57 9.36 8.92
N VAL A 32 11.30 9.53 8.55
CA VAL A 32 10.56 8.37 8.07
C VAL A 32 11.15 7.86 6.75
N ALA A 33 11.46 8.79 5.83
CA ALA A 33 11.98 8.35 4.53
C ALA A 33 13.31 7.64 4.69
N ARG A 34 14.20 8.14 5.55
CA ARG A 34 15.50 7.49 5.70
C ARG A 34 15.35 6.11 6.34
N ARG A 35 14.45 6.00 7.34
CA ARG A 35 14.18 4.71 7.96
C ARG A 35 13.64 3.72 6.93
N PHE A 36 12.62 4.13 6.16
CA PHE A 36 12.03 3.25 5.16
C PHE A 36 13.05 2.87 4.08
N SER A 37 13.91 3.82 3.68
CA SER A 37 14.87 3.53 2.62
C SER A 37 15.79 2.39 3.02
N TRP A 38 16.34 2.47 4.23
CA TRP A 38 17.25 1.43 4.72
C TRP A 38 16.50 0.12 4.97
N GLY A 39 15.29 0.22 5.53
CA GLY A 39 14.57 -0.99 5.93
C GLY A 39 14.04 -1.80 4.76
N LEU A 40 13.69 -1.14 3.66
CA LEU A 40 13.05 -1.77 2.51
C LEU A 40 13.93 -1.82 1.27
N GLY A 41 15.09 -1.15 1.30
CA GLY A 41 15.97 -1.15 0.14
C GLY A 41 15.42 -0.30 -0.97
N MET A 42 15.00 0.91 -0.66
CA MET A 42 14.47 1.83 -1.65
C MET A 42 15.40 3.02 -1.78
N ARG A 43 15.59 3.47 -3.00
CA ARG A 43 16.51 4.56 -3.29
C ARG A 43 15.80 5.90 -3.20
N PHE A 44 16.51 6.91 -2.71
CA PHE A 44 16.03 8.29 -2.77
C PHE A 44 16.10 8.78 -4.21
N SER A 45 14.95 9.09 -4.81
CA SER A 45 14.95 9.42 -6.24
C SER A 45 14.49 10.83 -6.57
N ALA A 46 13.66 11.47 -5.76
CA ALA A 46 13.22 12.83 -6.06
C ALA A 46 12.88 13.54 -4.76
N LYS A 47 12.88 14.87 -4.82
CA LYS A 47 12.55 15.68 -3.66
C LYS A 47 11.85 16.96 -4.07
N SER A 48 11.04 17.48 -3.16
CA SER A 48 10.41 18.80 -3.29
C SER A 48 10.40 19.37 -1.89
N ASP A 49 11.15 20.45 -1.65
CA ASP A 49 11.37 20.94 -0.29
C ASP A 49 11.98 22.33 -0.39
N LEU A 50 12.46 22.85 0.74
CA LEU A 50 13.03 24.20 0.73
C LEU A 50 14.11 24.35 -0.35
N SER A 51 14.93 23.32 -0.53
CA SER A 51 16.01 23.41 -1.50
C SER A 51 15.53 23.47 -2.95
N THR A 52 14.27 23.13 -3.21
CA THR A 52 13.69 23.25 -4.54
C THR A 52 12.68 24.39 -4.63
N GLY A 53 12.62 25.25 -3.61
CA GLY A 53 11.73 26.39 -3.63
C GLY A 53 10.36 26.14 -3.03
N ASN A 54 10.13 24.97 -2.46
CA ASN A 54 8.84 24.65 -1.85
C ASN A 54 8.85 25.13 -0.40
N MET A 55 8.09 26.19 -0.12
CA MET A 55 8.01 26.78 1.21
C MET A 55 6.87 26.20 2.03
N VAL A 56 6.18 25.19 1.50
CA VAL A 56 4.93 24.70 2.06
C VAL A 56 5.11 23.32 2.70
N HIS A 57 5.67 22.38 1.96
CA HIS A 57 5.80 21.01 2.45
C HIS A 57 7.12 20.42 1.98
N ALA A 58 7.64 19.50 2.78
CA ALA A 58 8.80 18.70 2.45
C ALA A 58 8.31 17.34 1.97
N SER A 59 8.69 16.95 0.74
CA SER A 59 8.25 15.68 0.17
C SER A 59 9.46 14.95 -0.41
N TYR A 60 9.63 13.68 0.00
CA TYR A 60 10.75 12.87 -0.46
C TYR A 60 10.23 11.58 -1.05
N LEU A 61 10.72 11.24 -2.25
CA LEU A 61 10.27 10.07 -2.98
C LEU A 61 11.32 8.97 -2.92
N LEU A 62 10.90 7.78 -2.50
CA LEU A 62 11.71 6.57 -2.55
C LEU A 62 11.20 5.66 -3.65
N THR A 63 12.09 4.97 -4.34
CA THR A 63 11.66 4.06 -5.40
C THR A 63 12.38 2.72 -5.27
N SER A 64 11.67 1.67 -5.64
CA SER A 64 12.31 0.37 -5.84
C SER A 64 11.57 -0.27 -7.00
N GLY A 65 12.26 -0.44 -8.13
CA GLY A 65 11.56 -0.85 -9.34
C GLY A 65 10.47 0.17 -9.68
N ASP A 66 9.24 -0.31 -9.77
CA ASP A 66 8.11 0.57 -10.08
C ASP A 66 7.40 1.04 -8.82
N LEU A 67 7.82 0.59 -7.64
CA LEU A 67 7.18 1.01 -6.41
C LEU A 67 7.66 2.41 -6.04
N ARG A 68 6.71 3.30 -5.73
CA ARG A 68 7.02 4.68 -5.38
C ARG A 68 6.36 4.99 -4.05
N PHE A 69 7.19 5.29 -3.03
CA PHE A 69 6.72 5.73 -1.72
C PHE A 69 7.09 7.20 -1.56
N LEU A 70 6.09 8.03 -1.27
CA LEU A 70 6.28 9.47 -1.07
C LEU A 70 6.03 9.80 0.40
N PHE A 71 6.92 10.59 1.00
CA PHE A 71 6.85 10.97 2.41
C PHE A 71 6.77 12.48 2.48
N THR A 72 5.70 12.99 3.09
CA THR A 72 5.43 14.42 3.11
C THR A 72 5.07 14.89 4.51
N ALA A 73 5.60 16.06 4.86
CA ALA A 73 5.36 16.71 6.14
C ALA A 73 5.24 18.21 5.89
N PRO A 74 4.46 18.91 6.73
CA PRO A 74 4.31 20.35 6.56
C PRO A 74 5.43 21.13 7.22
N TYR A 75 5.82 22.24 6.59
CA TYR A 75 6.69 23.24 7.24
C TYR A 75 5.84 24.14 8.12
N SER A 76 6.49 25.04 8.85
CA SER A 76 5.74 26.09 9.53
C SER A 76 4.88 26.85 8.51
N PRO A 77 3.59 27.05 8.78
CA PRO A 77 2.78 27.86 7.86
C PRO A 77 3.34 29.26 7.64
N SER A 78 4.13 29.78 8.58
CA SER A 78 4.65 31.13 8.45
C SER A 78 5.54 31.30 7.24
N LEU A 79 6.20 30.23 6.78
CA LEU A 79 7.09 30.34 5.62
C LEU A 79 6.33 30.71 4.36
N SER A 80 5.05 30.35 4.31
CA SER A 80 4.24 30.54 3.11
C SER A 80 3.00 31.39 3.39
N ALA A 81 3.01 32.16 4.49
CA ALA A 81 1.81 32.88 4.88
C ALA A 81 1.43 33.96 3.88
N GLY A 82 2.37 34.42 3.06
CA GLY A 82 2.04 35.38 2.04
C GLY A 82 1.48 34.78 0.77
N GLU A 83 1.53 33.46 0.65
CA GLU A 83 1.07 32.82 -0.57
C GLU A 83 -0.45 32.67 -0.58
N ILE A 84 -1.00 32.60 -1.78
CA ILE A 84 -2.36 32.13 -2.02
C ILE A 84 -2.25 30.97 -3.01
N LYS A 85 -3.35 30.26 -3.20
CA LYS A 85 -3.29 29.10 -4.10
C LYS A 85 -2.77 29.49 -5.48
N PRO A 86 -3.20 30.60 -6.10
CA PRO A 86 -2.59 31.02 -7.37
C PRO A 86 -1.09 31.23 -7.32
N THR A 87 -0.52 31.60 -6.16
CA THR A 87 0.91 31.86 -6.04
C THR A 87 1.65 30.80 -5.23
N THR A 88 1.07 29.61 -5.06
CA THR A 88 1.65 28.62 -4.14
C THR A 88 2.99 28.09 -4.65
N THR A 89 3.88 27.81 -3.70
CA THR A 89 5.12 27.10 -3.99
C THR A 89 5.05 25.62 -3.70
N ALA A 90 3.90 25.13 -3.22
CA ALA A 90 3.71 23.70 -3.04
C ALA A 90 3.74 22.98 -4.38
N SER A 91 4.41 21.84 -4.42
CA SER A 91 4.43 21.02 -5.63
C SER A 91 3.22 20.09 -5.72
N ILE A 92 2.57 19.82 -4.60
CA ILE A 92 1.35 19.03 -4.60
C ILE A 92 0.20 19.95 -4.19
N PRO A 93 -0.56 20.50 -5.13
CA PRO A 93 -1.50 21.58 -4.79
C PRO A 93 -2.63 21.14 -3.88
N SER A 94 -2.92 19.84 -3.79
CA SER A 94 -3.90 19.37 -2.83
C SER A 94 -3.43 19.47 -1.39
N PHE A 95 -2.13 19.68 -1.15
CA PHE A 95 -1.63 19.72 0.21
C PHE A 95 -2.25 20.87 0.98
N ASP A 96 -2.56 20.63 2.25
CA ASP A 96 -3.06 21.65 3.15
C ASP A 96 -2.43 21.42 4.52
N HIS A 97 -1.81 22.47 5.08
CA HIS A 97 -1.18 22.36 6.40
C HIS A 97 -2.13 21.79 7.42
N GLY A 98 -3.31 22.40 7.54
CA GLY A 98 -4.25 21.97 8.55
C GLY A 98 -4.71 20.54 8.37
N SER A 99 -5.01 20.14 7.13
CA SER A 99 -5.41 18.77 6.87
C SER A 99 -4.32 17.80 7.28
N CYS A 100 -3.07 18.13 6.96
CA CYS A 100 -1.97 17.23 7.23
C CYS A 100 -1.71 17.13 8.74
N ARG A 101 -1.70 18.26 9.43
CA ARG A 101 -1.53 18.18 10.88
C ARG A 101 -2.68 17.44 11.54
N SER A 102 -3.91 17.68 11.06
CA SER A 102 -5.06 16.99 11.63
C SER A 102 -4.98 15.49 11.38
N PHE A 103 -4.60 15.11 10.16
CA PHE A 103 -4.47 13.70 9.83
C PHE A 103 -3.45 13.03 10.73
N PHE A 104 -2.28 13.64 10.90
CA PHE A 104 -1.23 12.96 11.66
C PHE A 104 -1.56 12.97 13.15
N SER A 105 -2.14 14.04 13.65
CA SER A 105 -2.52 14.02 15.06
C SER A 105 -3.63 13.00 15.31
N SER A 106 -4.52 12.80 14.33
CA SER A 106 -5.63 11.86 14.53
C SER A 106 -5.16 10.41 14.38
N HIS A 107 -4.39 10.12 13.33
CA HIS A 107 -4.11 8.76 12.93
C HIS A 107 -2.69 8.31 13.20
N GLY A 108 -1.76 9.23 13.51
CA GLY A 108 -0.36 8.89 13.51
C GLY A 108 0.12 8.70 12.07
N LEU A 109 1.36 8.20 11.95
CA LEU A 109 1.97 7.97 10.65
C LEU A 109 1.16 6.97 9.82
N GLY A 110 0.86 7.34 8.58
CA GLY A 110 0.02 6.47 7.78
C GLY A 110 -0.15 7.01 6.37
N VAL A 111 -0.86 6.23 5.57
CA VAL A 111 -1.05 6.55 4.16
C VAL A 111 -2.19 7.55 4.02
N ARG A 112 -1.89 8.68 3.39
CA ARG A 112 -2.90 9.66 3.02
C ARG A 112 -3.47 9.37 1.64
N ALA A 113 -2.62 9.01 0.67
CA ALA A 113 -3.07 8.89 -0.71
C ALA A 113 -2.64 7.54 -1.29
N VAL A 114 -3.61 6.85 -1.88
CA VAL A 114 -3.36 5.71 -2.78
C VAL A 114 -3.51 6.27 -4.17
N ALA A 115 -2.41 6.38 -4.92
CA ALA A 115 -2.45 7.05 -6.21
C ALA A 115 -2.38 6.02 -7.33
N ILE A 116 -3.34 6.12 -8.26
CA ILE A 116 -3.33 5.29 -9.46
C ILE A 116 -3.14 6.17 -10.68
N GLU A 117 -2.42 5.66 -11.67
CA GLU A 117 -2.30 6.39 -12.92
C GLU A 117 -3.49 6.06 -13.80
N VAL A 118 -4.04 7.09 -14.44
CA VAL A 118 -5.19 6.96 -15.32
C VAL A 118 -4.90 7.67 -16.63
N GLU A 119 -5.80 7.46 -17.60
CA GLU A 119 -5.62 8.10 -18.90
C GLU A 119 -5.84 9.61 -18.80
N ASP A 120 -6.83 10.02 -18.01
CA ASP A 120 -7.27 11.42 -17.96
C ASP A 120 -7.80 11.64 -16.55
N ALA A 121 -6.98 12.30 -15.71
CA ALA A 121 -7.38 12.50 -14.32
C ALA A 121 -8.58 13.44 -14.20
N GLU A 122 -8.73 14.39 -15.12
CA GLU A 122 -9.91 15.26 -15.06
C GLU A 122 -11.18 14.47 -15.34
N SER A 123 -11.15 13.62 -16.37
CA SER A 123 -12.29 12.75 -16.65
C SER A 123 -12.55 11.79 -15.50
N ALA A 124 -11.50 11.14 -14.99
CA ALA A 124 -11.70 10.21 -13.88
C ALA A 124 -12.37 10.89 -12.69
N PHE A 125 -11.95 12.13 -12.40
CA PHE A 125 -12.53 12.87 -11.30
C PHE A 125 -14.00 13.16 -11.57
N SER A 126 -14.29 13.70 -12.75
CA SER A 126 -15.66 14.08 -13.09
C SER A 126 -16.59 12.87 -13.09
N ILE A 127 -16.17 11.78 -13.75
CA ILE A 127 -16.97 10.56 -13.77
C ILE A 127 -17.13 10.00 -12.37
N SER A 128 -16.05 10.05 -11.56
CA SER A 128 -16.16 9.52 -10.21
C SER A 128 -17.19 10.30 -9.41
N VAL A 129 -17.09 11.62 -9.43
CA VAL A 129 -17.99 12.45 -8.63
C VAL A 129 -19.41 12.32 -9.17
N ALA A 130 -19.55 12.20 -10.49
CA ALA A 130 -20.89 11.98 -11.05
C ALA A 130 -21.50 10.67 -10.58
N ASN A 131 -20.66 9.72 -10.14
CA ASN A 131 -21.13 8.43 -9.68
C ASN A 131 -20.95 8.24 -8.17
N GLY A 132 -20.93 9.32 -7.40
CA GLY A 132 -21.05 9.26 -5.96
C GLY A 132 -19.77 9.53 -5.20
N ALA A 133 -18.62 9.66 -5.87
CA ALA A 133 -17.39 9.93 -5.15
C ALA A 133 -17.46 11.27 -4.44
N ILE A 134 -16.98 11.31 -3.20
CA ILE A 134 -16.87 12.57 -2.45
C ILE A 134 -15.60 13.26 -2.90
N PRO A 135 -15.70 14.43 -3.53
CA PRO A 135 -14.49 15.13 -3.98
C PRO A 135 -13.61 15.54 -2.80
N SER A 136 -12.30 15.46 -3.00
CA SER A 136 -11.33 15.92 -2.02
C SER A 136 -10.45 17.04 -2.56
N SER A 137 -9.99 16.92 -3.79
CA SER A 137 -9.23 17.98 -4.42
C SER A 137 -9.50 17.95 -5.92
N PRO A 138 -9.95 19.06 -6.51
CA PRO A 138 -10.36 19.06 -7.91
C PRO A 138 -9.16 18.89 -8.82
N PRO A 139 -9.38 18.59 -10.11
CA PRO A 139 -8.25 18.40 -11.01
C PRO A 139 -7.46 19.69 -11.15
N ILE A 140 -6.14 19.58 -11.05
CA ILE A 140 -5.23 20.68 -11.27
C ILE A 140 -4.15 20.22 -12.26
N VAL A 141 -3.87 21.05 -13.26
CA VAL A 141 -2.86 20.74 -14.26
C VAL A 141 -1.53 21.37 -13.84
N LEU A 142 -0.51 20.53 -13.70
CA LEU A 142 0.81 20.96 -13.25
C LEU A 142 1.74 21.13 -14.43
N ASN A 143 2.21 22.37 -14.64
CA ASN A 143 3.15 22.70 -15.71
C ASN A 143 2.68 22.15 -17.07
N GLU A 144 1.37 22.18 -17.29
CA GLU A 144 0.75 21.72 -18.54
C GLU A 144 1.17 20.30 -18.90
N ALA A 145 1.55 19.48 -17.93
CA ALA A 145 2.15 18.19 -18.23
C ALA A 145 1.50 17.04 -17.47
N VAL A 146 1.05 17.31 -16.25
CA VAL A 146 0.51 16.28 -15.37
C VAL A 146 -0.76 16.83 -14.73
N THR A 147 -1.78 15.99 -14.61
CA THR A 147 -3.02 16.37 -13.94
C THR A 147 -3.22 15.48 -12.73
N ILE A 148 -3.54 16.09 -11.58
CA ILE A 148 -3.79 15.37 -10.34
C ILE A 148 -5.17 15.75 -9.83
N ALA A 149 -5.91 14.76 -9.32
CA ALA A 149 -7.21 14.96 -8.69
C ALA A 149 -7.37 13.91 -7.60
N GLU A 150 -8.21 14.21 -6.61
CA GLU A 150 -8.37 13.35 -5.44
C GLU A 150 -9.84 13.25 -5.03
N VAL A 151 -10.27 12.03 -4.72
CA VAL A 151 -11.59 11.78 -4.13
C VAL A 151 -11.39 10.95 -2.87
N LYS A 152 -12.37 11.01 -1.97
CA LYS A 152 -12.28 10.24 -0.73
C LYS A 152 -12.40 8.74 -1.01
N LEU A 153 -11.55 7.95 -0.37
CA LEU A 153 -11.59 6.50 -0.49
C LEU A 153 -12.24 5.87 0.73
N TYR A 154 -11.64 6.02 1.91
CA TYR A 154 -12.22 5.63 3.19
C TYR A 154 -11.46 6.39 4.27
N GLY A 155 -12.14 6.65 5.38
CA GLY A 155 -11.52 7.47 6.41
C GLY A 155 -11.01 8.78 5.83
N ASP A 156 -9.77 9.13 6.18
CA ASP A 156 -9.09 10.28 5.60
C ASP A 156 -8.09 9.88 4.54
N VAL A 157 -8.26 8.69 3.95
CA VAL A 157 -7.43 8.25 2.84
C VAL A 157 -8.12 8.67 1.54
N VAL A 158 -7.33 9.20 0.61
CA VAL A 158 -7.88 9.61 -0.68
C VAL A 158 -7.37 8.66 -1.78
N LEU A 159 -8.21 8.46 -2.79
CA LEU A 159 -7.78 7.86 -4.04
C LEU A 159 -7.34 8.99 -4.95
N ARG A 160 -6.08 8.98 -5.34
CA ARG A 160 -5.50 10.06 -6.13
C ARG A 160 -5.36 9.61 -7.57
N TYR A 161 -5.92 10.40 -8.50
CA TYR A 161 -5.77 10.13 -9.92
C TYR A 161 -4.63 10.99 -10.47
N VAL A 162 -3.74 10.36 -11.23
CA VAL A 162 -2.61 11.04 -11.87
C VAL A 162 -2.62 10.64 -13.34
N SER A 163 -2.56 11.63 -14.23
CA SER A 163 -2.47 11.37 -15.66
C SER A 163 -1.38 12.24 -16.27
N TYR A 164 -0.68 11.69 -17.26
CA TYR A 164 0.45 12.36 -17.90
C TYR A 164 0.14 12.59 -19.37
N LYS A 165 0.43 13.79 -19.85
CA LYS A 165 0.28 14.06 -21.29
C LYS A 165 1.28 13.25 -22.10
N ALA A 166 2.55 13.29 -21.71
CA ALA A 166 3.57 12.51 -22.40
C ALA A 166 3.81 11.17 -21.69
N GLU A 173 11.08 13.38 -12.93
CA GLU A 173 9.88 13.32 -13.77
C GLU A 173 8.69 12.75 -13.00
N PHE A 174 8.83 12.64 -11.68
CA PHE A 174 7.73 12.20 -10.83
C PHE A 174 6.56 13.15 -10.99
N LEU A 175 6.72 14.37 -10.51
CA LEU A 175 5.76 15.44 -10.67
C LEU A 175 6.54 16.72 -10.97
N PRO A 176 5.93 17.67 -11.68
CA PRO A 176 6.60 18.96 -11.87
C PRO A 176 6.95 19.59 -10.53
N GLY A 177 8.07 20.29 -10.49
CA GLY A 177 8.53 20.88 -9.25
C GLY A 177 9.32 19.94 -8.36
N PHE A 178 9.33 18.64 -8.65
CA PHE A 178 10.23 17.72 -7.97
C PHE A 178 11.56 17.70 -8.73
N GLU A 179 12.65 17.59 -7.99
CA GLU A 179 13.99 17.47 -8.56
C GLU A 179 14.55 16.09 -8.30
N ARG A 180 15.24 15.55 -9.32
CA ARG A 180 15.94 14.28 -9.14
C ARG A 180 17.06 14.44 -8.12
N VAL A 181 17.28 13.41 -7.32
CA VAL A 181 18.22 13.48 -6.21
C VAL A 181 19.63 13.18 -6.72
N GLU A 182 20.60 13.99 -6.28
CA GLU A 182 22.00 13.78 -6.60
C GLU A 182 22.46 12.37 -6.24
N ASP A 183 23.30 11.79 -7.11
CA ASP A 183 23.73 10.41 -6.91
C ASP A 183 24.53 10.24 -5.63
N ALA A 184 25.19 11.29 -5.16
CA ALA A 184 25.86 11.21 -3.87
C ALA A 184 24.86 10.90 -2.76
N SER A 185 23.74 11.62 -2.75
CA SER A 185 22.66 11.35 -1.82
C SER A 185 21.77 10.20 -2.24
N SER A 186 22.04 9.55 -3.38
CA SER A 186 21.16 8.51 -3.93
C SER A 186 21.92 7.18 -4.00
N PHE A 187 22.02 6.51 -2.87
CA PHE A 187 22.67 5.20 -2.79
C PHE A 187 21.76 4.14 -3.41
N PRO A 188 22.27 3.29 -4.31
CA PRO A 188 21.38 2.40 -5.08
C PRO A 188 21.01 1.13 -4.32
N LEU A 189 20.33 1.30 -3.18
CA LEU A 189 19.82 0.15 -2.44
C LEU A 189 18.77 -0.60 -3.27
N ASP A 190 18.74 -1.91 -3.10
CA ASP A 190 17.75 -2.74 -3.77
C ASP A 190 17.70 -4.12 -3.13
N TYR A 191 16.59 -4.45 -2.47
CA TYR A 191 16.42 -5.78 -1.89
C TYR A 191 15.46 -6.63 -2.71
N GLY A 192 15.06 -6.18 -3.90
CA GLY A 192 14.25 -6.97 -4.79
C GLY A 192 12.80 -6.54 -4.91
N ILE A 193 12.35 -5.54 -4.16
CA ILE A 193 10.96 -5.11 -4.28
C ILE A 193 10.75 -4.39 -5.60
N ARG A 194 9.62 -4.65 -6.25
CA ARG A 194 9.44 -4.17 -7.61
C ARG A 194 8.14 -3.41 -7.86
N ARG A 195 7.05 -3.69 -7.14
CA ARG A 195 5.83 -2.94 -7.40
C ARG A 195 4.86 -3.13 -6.24
N LEU A 196 3.83 -2.26 -6.20
CA LEU A 196 2.72 -2.41 -5.26
C LEU A 196 1.74 -3.42 -5.82
N ASP A 197 1.49 -4.49 -5.08
CA ASP A 197 0.53 -5.49 -5.54
C ASP A 197 -0.89 -5.15 -5.12
N HIS A 198 -1.09 -4.75 -3.86
CA HIS A 198 -2.42 -4.32 -3.43
C HIS A 198 -2.31 -3.44 -2.19
N ALA A 199 -3.40 -2.72 -1.94
CA ALA A 199 -3.48 -1.77 -0.84
C ALA A 199 -4.82 -1.98 -0.15
N VAL A 200 -4.79 -2.19 1.16
CA VAL A 200 -5.89 -2.75 1.92
C VAL A 200 -6.38 -1.74 2.95
N GLY A 201 -7.69 -1.51 3.00
CA GLY A 201 -8.29 -0.63 3.98
C GLY A 201 -9.07 -1.38 5.05
N ASN A 202 -9.13 -0.80 6.24
CA ASN A 202 -9.98 -1.29 7.32
C ASN A 202 -11.12 -0.29 7.53
N VAL A 203 -12.36 -0.79 7.59
CA VAL A 203 -13.52 0.07 7.77
C VAL A 203 -14.41 -0.55 8.85
N PRO A 204 -15.30 0.26 9.45
CA PRO A 204 -16.27 -0.34 10.38
C PRO A 204 -17.30 -1.22 9.69
N GLU A 205 -17.73 -0.86 8.48
CA GLU A 205 -18.78 -1.59 7.78
C GLU A 205 -18.38 -1.83 6.34
N LEU A 206 -18.18 -3.11 5.99
CA LEU A 206 -17.65 -3.47 4.68
C LEU A 206 -18.65 -3.16 3.56
N GLY A 207 -19.93 -3.45 3.80
CA GLY A 207 -20.95 -3.32 2.76
C GLY A 207 -21.02 -1.92 2.19
N PRO A 208 -21.25 -0.92 3.04
CA PRO A 208 -21.30 0.47 2.55
C PRO A 208 -20.00 0.93 1.92
N ALA A 209 -18.85 0.45 2.40
CA ALA A 209 -17.58 0.86 1.81
C ALA A 209 -17.44 0.31 0.40
N LEU A 210 -17.79 -0.96 0.18
CA LEU A 210 -17.67 -1.51 -1.17
C LEU A 210 -18.65 -0.84 -2.12
N THR A 211 -19.89 -0.65 -1.68
CA THR A 211 -20.88 0.02 -2.51
C THR A 211 -20.40 1.39 -2.95
N TYR A 212 -19.83 2.15 -2.02
CA TYR A 212 -19.31 3.48 -2.35
C TYR A 212 -18.20 3.39 -3.40
N VAL A 213 -17.15 2.60 -3.11
CA VAL A 213 -15.99 2.62 -3.99
C VAL A 213 -16.30 1.97 -5.33
N ALA A 214 -16.90 0.78 -5.31
CA ALA A 214 -17.32 0.17 -6.58
C ALA A 214 -18.28 1.08 -7.34
N GLY A 215 -19.07 1.86 -6.60
CA GLY A 215 -20.04 2.74 -7.24
C GLY A 215 -19.40 3.79 -8.12
N PHE A 216 -18.34 4.45 -7.64
CA PHE A 216 -17.75 5.54 -8.41
C PHE A 216 -16.60 5.10 -9.33
N THR A 217 -16.03 3.92 -9.12
CA THR A 217 -14.96 3.45 -10.00
C THR A 217 -15.44 2.51 -11.08
N GLY A 218 -16.49 1.73 -10.81
CA GLY A 218 -16.79 0.60 -11.65
C GLY A 218 -15.90 -0.59 -11.40
N PHE A 219 -15.06 -0.53 -10.38
CA PHE A 219 -14.27 -1.70 -10.01
C PHE A 219 -15.19 -2.85 -9.61
N HIS A 220 -14.80 -4.06 -9.97
CA HIS A 220 -15.61 -5.25 -9.74
C HIS A 220 -15.03 -6.09 -8.60
N GLN A 221 -15.86 -6.95 -8.04
CA GLN A 221 -15.40 -7.83 -6.97
C GLN A 221 -14.52 -8.92 -7.54
N PHE A 222 -13.30 -9.02 -7.03
CA PHE A 222 -12.36 -10.06 -7.41
C PHE A 222 -12.73 -11.33 -6.68
N ALA A 223 -12.86 -12.44 -7.42
CA ALA A 223 -13.37 -13.67 -6.85
C ALA A 223 -12.33 -14.33 -5.94
N GLU A 224 -12.75 -14.68 -4.73
CA GLU A 224 -11.88 -15.34 -3.77
C GLU A 224 -11.97 -16.86 -3.89
N PHE A 225 -10.87 -17.52 -3.56
CA PHE A 225 -10.72 -18.98 -3.64
C PHE A 225 -11.30 -19.56 -4.93
N GLU A 234 -14.35 -18.08 11.86
CA GLU A 234 -14.15 -16.83 12.59
C GLU A 234 -12.68 -16.55 12.86
N SER A 235 -12.12 -15.62 12.10
CA SER A 235 -10.79 -15.09 12.33
C SER A 235 -10.81 -13.59 12.61
N GLY A 236 -11.99 -13.02 12.78
CA GLY A 236 -12.12 -11.64 13.20
C GLY A 236 -12.41 -10.63 12.12
N LEU A 237 -12.57 -11.07 10.87
CA LEU A 237 -12.77 -10.13 9.78
C LEU A 237 -13.62 -10.75 8.67
N ASN A 238 -14.32 -9.88 7.96
CA ASN A 238 -14.85 -10.15 6.64
C ASN A 238 -14.15 -9.23 5.66
N SER A 239 -13.87 -9.72 4.46
CA SER A 239 -13.14 -8.92 3.50
C SER A 239 -13.68 -9.18 2.10
N ALA A 240 -13.44 -8.23 1.21
CA ALA A 240 -13.73 -8.37 -0.21
C ALA A 240 -12.74 -7.50 -0.97
N VAL A 241 -12.52 -7.83 -2.23
CA VAL A 241 -11.48 -7.19 -3.03
C VAL A 241 -12.10 -6.55 -4.26
N LEU A 242 -11.82 -5.26 -4.45
CA LEU A 242 -12.22 -4.54 -5.66
C LEU A 242 -11.05 -4.48 -6.63
N ALA A 243 -11.35 -4.65 -7.92
CA ALA A 243 -10.30 -4.76 -8.94
C ALA A 243 -10.67 -3.95 -10.18
N SER A 244 -9.64 -3.40 -10.83
CA SER A 244 -9.80 -2.75 -12.11
C SER A 244 -9.97 -3.79 -13.21
N ASN A 245 -10.11 -3.31 -14.46
CA ASN A 245 -10.45 -4.17 -15.59
C ASN A 245 -9.44 -5.30 -15.77
N ASP A 246 -8.14 -4.98 -15.77
CA ASP A 246 -7.14 -6.02 -15.92
C ASP A 246 -6.68 -6.57 -14.56
N GLU A 247 -7.36 -6.17 -13.48
CA GLU A 247 -7.15 -6.70 -12.14
C GLU A 247 -5.73 -6.45 -11.66
N MET A 248 -5.12 -5.36 -12.16
CA MET A 248 -3.81 -4.94 -11.68
C MET A 248 -3.88 -3.88 -10.59
N VAL A 249 -4.98 -3.14 -10.50
CA VAL A 249 -5.25 -2.31 -9.33
C VAL A 249 -6.18 -3.10 -8.43
N LEU A 250 -5.70 -3.44 -7.23
CA LEU A 250 -6.39 -4.33 -6.32
C LEU A 250 -6.55 -3.65 -4.99
N LEU A 251 -7.80 -3.50 -4.53
CA LEU A 251 -8.11 -2.76 -3.33
C LEU A 251 -8.98 -3.62 -2.42
N PRO A 252 -8.39 -4.50 -1.62
CA PRO A 252 -9.15 -5.22 -0.60
C PRO A 252 -9.59 -4.28 0.53
N ILE A 253 -10.72 -4.64 1.15
CA ILE A 253 -11.28 -3.90 2.28
C ILE A 253 -11.74 -4.90 3.32
N ASN A 254 -11.44 -4.63 4.59
CA ASN A 254 -11.81 -5.47 5.72
C ASN A 254 -12.75 -4.73 6.65
N GLU A 255 -13.67 -5.49 7.26
CA GLU A 255 -14.47 -5.04 8.41
C GLU A 255 -14.27 -5.99 9.58
N PRO A 256 -14.43 -5.53 10.81
CA PRO A 256 -14.28 -6.45 11.95
C PRO A 256 -15.48 -7.38 12.08
N VAL A 257 -15.23 -8.55 12.67
CA VAL A 257 -16.28 -9.44 13.13
C VAL A 257 -16.31 -9.37 14.65
N HIS A 258 -17.44 -8.94 15.21
CA HIS A 258 -17.54 -8.69 16.63
C HIS A 258 -17.98 -9.93 17.38
N GLY A 259 -17.72 -9.94 18.69
CA GLY A 259 -18.21 -10.98 19.56
C GLY A 259 -17.41 -12.27 19.56
N THR A 260 -16.21 -12.26 19.01
CA THR A 260 -15.37 -13.45 18.99
C THR A 260 -14.68 -13.63 20.34
N LYS A 261 -13.95 -14.74 20.50
CA LYS A 261 -13.16 -14.95 21.70
C LYS A 261 -11.89 -14.11 21.68
N ARG A 262 -11.17 -14.12 20.56
CA ARG A 262 -10.03 -13.24 20.36
C ARG A 262 -10.52 -11.97 19.68
N LYS A 263 -10.27 -10.82 20.31
CA LYS A 263 -10.74 -9.55 19.77
C LYS A 263 -10.19 -9.31 18.38
N SER A 264 -11.07 -8.87 17.48
CA SER A 264 -10.69 -8.64 16.09
C SER A 264 -9.59 -7.60 15.99
N GLN A 265 -8.54 -7.96 15.26
CA GLN A 265 -7.46 -7.01 15.02
C GLN A 265 -7.90 -5.87 14.10
N ILE A 266 -8.99 -6.07 13.34
CA ILE A 266 -9.57 -4.96 12.59
C ILE A 266 -10.16 -3.92 13.55
N GLN A 267 -10.81 -4.38 14.62
CA GLN A 267 -11.37 -3.45 15.61
C GLN A 267 -10.26 -2.74 16.38
N THR A 268 -9.20 -3.46 16.75
CA THR A 268 -8.05 -2.81 17.37
C THR A 268 -7.48 -1.73 16.47
N TYR A 269 -7.33 -2.03 15.18
CA TYR A 269 -6.91 -1.03 14.22
C TYR A 269 -7.78 0.21 14.29
N LEU A 270 -9.10 0.01 14.16
CA LEU A 270 -10.02 1.15 14.11
C LEU A 270 -9.91 1.99 15.37
N GLU A 271 -9.68 1.35 16.51
CA GLU A 271 -9.58 2.09 17.77
C GLU A 271 -8.29 2.91 17.81
N HIS A 272 -7.15 2.28 17.51
CA HIS A 272 -5.88 2.98 17.61
C HIS A 272 -5.68 3.98 16.48
N ASN A 273 -6.33 3.76 15.34
CA ASN A 273 -6.22 4.68 14.22
C ASN A 273 -7.21 5.83 14.27
N GLU A 274 -8.14 5.81 15.22
CA GLU A 274 -9.28 6.73 15.23
C GLU A 274 -10.09 6.60 13.93
N GLY A 275 -10.40 5.37 13.58
CA GLY A 275 -11.35 5.07 12.51
C GLY A 275 -10.70 4.39 11.32
N ALA A 276 -11.47 4.39 10.22
CA ALA A 276 -11.07 3.73 9.00
C ALA A 276 -9.75 4.30 8.45
N GLY A 277 -9.02 3.46 7.74
CA GLY A 277 -7.78 3.88 7.12
C GLY A 277 -7.10 2.70 6.46
N LEU A 278 -5.93 2.99 5.90
CA LEU A 278 -5.18 1.95 5.20
C LEU A 278 -4.51 1.01 6.20
N GLN A 279 -4.77 -0.29 6.03
CA GLN A 279 -4.24 -1.31 6.93
C GLN A 279 -2.87 -1.81 6.48
N HIS A 280 -2.75 -2.28 5.23
CA HIS A 280 -1.42 -2.74 4.83
C HIS A 280 -1.20 -2.51 3.34
N LEU A 281 0.07 -2.43 2.99
CA LEU A 281 0.55 -2.35 1.62
C LEU A 281 1.28 -3.64 1.31
N ALA A 282 0.88 -4.32 0.23
CA ALA A 282 1.54 -5.55 -0.19
C ALA A 282 2.47 -5.22 -1.34
N LEU A 283 3.76 -5.52 -1.16
CA LEU A 283 4.81 -5.12 -2.09
C LEU A 283 5.32 -6.38 -2.75
N MET A 284 5.19 -6.47 -4.08
CA MET A 284 5.69 -7.62 -4.80
C MET A 284 7.21 -7.59 -4.89
N SER A 285 7.84 -8.72 -4.61
CA SER A 285 9.26 -8.93 -4.77
C SER A 285 9.51 -9.84 -5.96
N GLU A 286 10.56 -9.54 -6.73
CA GLU A 286 11.00 -10.49 -7.77
C GLU A 286 11.77 -11.67 -7.21
N ASP A 287 12.03 -11.67 -5.90
CA ASP A 287 12.82 -12.75 -5.28
C ASP A 287 12.59 -12.59 -3.76
N ILE A 288 11.50 -13.18 -3.28
CA ILE A 288 11.10 -12.93 -1.90
C ILE A 288 12.13 -13.47 -0.92
N PHE A 289 12.87 -14.51 -1.30
CA PHE A 289 13.90 -15.01 -0.40
C PHE A 289 15.00 -13.98 -0.22
N ARG A 290 15.43 -13.34 -1.31
CA ARG A 290 16.46 -12.31 -1.18
C ARG A 290 15.92 -11.12 -0.40
N THR A 291 14.68 -10.72 -0.69
CA THR A 291 14.11 -9.58 0.02
C THR A 291 14.06 -9.83 1.52
N LEU A 292 13.64 -11.03 1.91
CA LEU A 292 13.51 -11.29 3.34
C LEU A 292 14.86 -11.45 4.01
N ARG A 293 15.83 -12.09 3.34
CA ARG A 293 17.17 -12.12 3.88
C ARG A 293 17.68 -10.70 4.15
N GLU A 294 17.53 -9.81 3.18
CA GLU A 294 18.06 -8.47 3.31
C GLU A 294 17.28 -7.67 4.36
N MET A 295 15.95 -7.80 4.38
CA MET A 295 15.18 -7.06 5.38
C MET A 295 15.43 -7.59 6.79
N ARG A 296 15.53 -8.90 6.95
CA ARG A 296 15.73 -9.46 8.30
C ARG A 296 17.10 -9.12 8.85
N LYS A 297 18.11 -8.99 7.96
CA LYS A 297 19.44 -8.57 8.40
C LYS A 297 19.40 -7.21 9.07
N ARG A 298 18.44 -6.37 8.69
CA ARG A 298 18.37 -5.00 9.12
C ARG A 298 17.30 -4.73 10.15
N SER A 299 16.55 -5.76 10.60
CA SER A 299 15.44 -5.52 11.51
C SER A 299 15.86 -4.78 12.77
N SER A 300 17.00 -5.16 13.34
CA SER A 300 17.40 -4.61 14.64
C SER A 300 18.39 -3.47 14.49
N ILE A 301 18.71 -3.07 13.26
CA ILE A 301 19.61 -1.94 13.01
C ILE A 301 18.92 -0.89 12.14
N GLY A 302 17.66 -0.60 12.45
CA GLY A 302 16.93 0.51 11.86
C GLY A 302 15.83 0.11 10.90
N GLY A 303 15.74 -1.15 10.52
CA GLY A 303 14.76 -1.57 9.52
C GLY A 303 13.44 -1.99 10.13
N PHE A 304 12.82 -3.03 9.55
CA PHE A 304 11.49 -3.45 9.95
C PHE A 304 11.55 -4.83 10.59
N ASP A 305 10.66 -5.04 11.56
CA ASP A 305 10.49 -6.31 12.24
C ASP A 305 9.41 -7.11 11.54
N PHE A 306 9.46 -8.42 11.71
CA PHE A 306 8.47 -9.30 11.11
C PHE A 306 7.65 -9.99 12.19
N MET A 307 6.42 -10.35 11.84
CA MET A 307 5.55 -11.05 12.76
C MET A 307 6.22 -12.35 13.19
N PRO A 308 5.88 -12.89 14.36
CA PRO A 308 6.48 -14.17 14.78
C PRO A 308 6.19 -15.27 13.78
N SER A 309 7.19 -16.09 13.53
CA SER A 309 7.10 -17.09 12.47
C SER A 309 6.16 -18.22 12.88
N PRO A 310 5.59 -18.93 11.90
CA PRO A 310 4.74 -20.07 12.24
C PRO A 310 5.56 -21.21 12.79
N PRO A 311 4.94 -22.14 13.53
CA PRO A 311 5.70 -23.27 14.07
C PRO A 311 6.14 -24.21 12.97
N PRO A 312 7.12 -25.07 13.25
CA PRO A 312 7.59 -26.00 12.20
C PRO A 312 6.50 -26.93 11.68
N THR A 313 5.44 -27.18 12.46
CA THR A 313 4.32 -27.95 11.94
C THR A 313 3.74 -27.32 10.68
N TYR A 314 3.72 -25.99 10.62
CA TYR A 314 3.26 -25.29 9.42
C TYR A 314 4.07 -25.70 8.20
N TYR A 315 5.40 -25.74 8.35
CA TYR A 315 6.23 -26.12 7.21
C TYR A 315 6.25 -27.62 6.99
N GLN A 316 6.11 -28.41 8.06
CA GLN A 316 5.89 -29.83 7.90
C GLN A 316 4.60 -30.12 7.14
N ASN A 317 3.61 -29.24 7.23
CA ASN A 317 2.37 -29.41 6.50
C ASN A 317 2.42 -28.83 5.09
N LEU A 318 3.51 -28.15 4.72
CA LEU A 318 3.56 -27.50 3.41
C LEU A 318 3.81 -28.49 2.28
N LYS A 319 4.50 -29.60 2.57
CA LYS A 319 4.76 -30.60 1.53
C LYS A 319 3.47 -31.09 0.90
N LYS A 320 2.47 -31.41 1.73
CA LYS A 320 1.18 -31.91 1.24
C LYS A 320 0.38 -30.85 0.50
N ARG A 321 0.69 -29.57 0.66
CA ARG A 321 -0.11 -28.52 0.05
C ARG A 321 0.54 -27.86 -1.16
N VAL A 322 1.86 -27.76 -1.21
CA VAL A 322 2.53 -27.06 -2.30
C VAL A 322 3.78 -27.81 -2.73
N GLY A 323 3.89 -29.08 -2.32
CA GLY A 323 5.04 -29.91 -2.69
C GLY A 323 5.24 -30.08 -4.19
N ASP A 324 4.25 -29.75 -5.00
CA ASP A 324 4.37 -29.77 -6.45
C ASP A 324 4.78 -28.43 -7.03
N VAL A 325 4.87 -27.39 -6.21
CA VAL A 325 5.27 -26.07 -6.65
C VAL A 325 6.65 -25.69 -6.11
N LEU A 326 6.94 -26.06 -4.87
CA LEU A 326 8.23 -25.76 -4.26
C LEU A 326 8.95 -27.05 -3.91
N SER A 327 10.25 -27.06 -4.14
CA SER A 327 11.10 -28.16 -3.73
C SER A 327 11.22 -28.19 -2.21
N ASP A 328 11.78 -29.29 -1.69
CA ASP A 328 12.05 -29.35 -0.25
C ASP A 328 13.03 -28.26 0.17
N ASP A 329 14.03 -27.99 -0.67
CA ASP A 329 14.98 -26.91 -0.37
C ASP A 329 14.27 -25.57 -0.34
N GLN A 330 13.42 -25.31 -1.34
CA GLN A 330 12.67 -24.06 -1.39
C GLN A 330 11.68 -23.95 -0.23
N ILE A 331 11.14 -25.08 0.23
CA ILE A 331 10.25 -25.07 1.39
C ILE A 331 11.06 -24.78 2.65
N LYS A 332 12.21 -25.45 2.80
CA LYS A 332 13.06 -25.20 3.96
C LYS A 332 13.52 -23.75 3.99
N GLU A 333 13.78 -23.17 2.82
CA GLU A 333 14.13 -21.75 2.75
C GLU A 333 12.99 -20.86 3.22
N CYS A 334 11.74 -21.27 2.96
CA CYS A 334 10.60 -20.57 3.53
C CYS A 334 10.60 -20.66 5.06
N GLU A 335 10.95 -21.83 5.60
CA GLU A 335 10.96 -21.98 7.05
C GLU A 335 12.05 -21.13 7.70
N GLU A 336 13.22 -21.02 7.06
CA GLU A 336 14.28 -20.17 7.60
C GLU A 336 13.81 -18.74 7.74
N LEU A 337 13.06 -18.24 6.75
CA LEU A 337 12.69 -16.83 6.66
C LEU A 337 11.31 -16.54 7.21
N GLY A 338 10.59 -17.55 7.68
CA GLY A 338 9.25 -17.34 8.22
C GLY A 338 8.20 -17.04 7.18
N ILE A 339 8.46 -17.38 5.92
CA ILE A 339 7.53 -17.09 4.84
C ILE A 339 6.31 -17.99 4.92
N LEU A 340 5.13 -17.41 4.64
CA LEU A 340 3.89 -18.14 4.55
C LEU A 340 3.59 -18.46 3.08
N VAL A 341 2.83 -19.54 2.86
CA VAL A 341 2.47 -19.99 1.52
C VAL A 341 0.97 -20.25 1.47
N ASP A 342 0.32 -19.80 0.41
CA ASP A 342 -1.07 -20.15 0.15
C ASP A 342 -1.26 -20.40 -1.34
N ARG A 343 -2.42 -20.95 -1.67
CA ARG A 343 -2.69 -21.39 -3.03
C ARG A 343 -4.19 -21.27 -3.30
N ASP A 344 -4.54 -20.84 -4.51
CA ASP A 344 -5.90 -20.88 -5.01
C ASP A 344 -5.98 -21.97 -6.08
N ASP A 345 -6.89 -21.81 -7.05
CA ASP A 345 -6.98 -22.79 -8.14
C ASP A 345 -6.11 -22.44 -9.34
N GLN A 346 -5.50 -21.25 -9.35
CA GLN A 346 -4.70 -20.82 -10.49
C GLN A 346 -3.24 -20.59 -10.15
N GLY A 347 -2.90 -20.26 -8.91
CA GLY A 347 -1.51 -20.00 -8.59
C GLY A 347 -1.22 -20.13 -7.11
N THR A 348 0.04 -19.85 -6.77
CA THR A 348 0.55 -19.99 -5.41
C THR A 348 1.10 -18.64 -4.96
N LEU A 349 0.95 -18.36 -3.67
CA LEU A 349 1.34 -17.10 -3.07
C LEU A 349 2.36 -17.36 -1.97
N LEU A 350 3.48 -16.65 -2.00
CA LEU A 350 4.39 -16.57 -0.87
C LEU A 350 4.23 -15.19 -0.24
N GLN A 351 4.09 -15.12 1.08
CA GLN A 351 3.83 -13.85 1.75
C GLN A 351 4.43 -13.83 3.15
N ILE A 352 4.68 -12.63 3.66
CA ILE A 352 5.08 -12.45 5.04
C ILE A 352 4.71 -11.03 5.43
N PHE A 353 4.50 -10.81 6.73
CA PHE A 353 3.98 -9.54 7.22
C PHE A 353 4.94 -8.92 8.21
N THR A 354 5.14 -7.61 8.09
CA THR A 354 5.91 -6.90 9.10
C THR A 354 5.04 -6.60 10.33
N LYS A 355 5.73 -6.33 11.43
CA LYS A 355 5.09 -5.67 12.55
C LYS A 355 4.73 -4.26 12.12
N PRO A 356 3.88 -3.57 12.88
CA PRO A 356 3.46 -2.21 12.50
C PRO A 356 4.64 -1.31 12.21
N LEU A 357 4.45 -0.42 11.23
CA LEU A 357 5.54 0.41 10.72
C LEU A 357 5.92 1.54 11.67
N GLY A 358 5.01 1.90 12.58
CA GLY A 358 5.23 3.01 13.48
C GLY A 358 4.76 2.72 14.88
N ASP A 359 4.49 3.78 15.66
CA ASP A 359 4.15 3.61 17.07
C ASP A 359 2.85 2.84 17.26
N ARG A 360 1.86 3.07 16.37
CA ARG A 360 0.55 2.51 16.67
C ARG A 360 0.34 1.17 15.99
N PRO A 361 -0.48 0.28 16.58
CA PRO A 361 -0.72 -1.04 15.93
C PRO A 361 -1.74 -0.89 14.81
N THR A 362 -1.32 -0.19 13.77
CA THR A 362 -2.22 0.14 12.68
C THR A 362 -1.65 -0.37 11.36
N ILE A 363 -0.89 0.45 10.65
CA ILE A 363 -0.40 0.07 9.32
C ILE A 363 0.80 -0.86 9.43
N PHE A 364 0.86 -1.84 8.54
CA PHE A 364 2.01 -2.74 8.38
C PHE A 364 2.22 -3.01 6.90
N ILE A 365 3.26 -3.77 6.59
CA ILE A 365 3.60 -4.09 5.21
C ILE A 365 3.58 -5.59 5.02
N GLU A 366 3.17 -6.01 3.83
CA GLU A 366 3.24 -7.39 3.40
C GLU A 366 4.22 -7.48 2.25
N ILE A 367 5.09 -8.49 2.27
CA ILE A 367 5.94 -8.79 1.13
C ILE A 367 5.38 -10.04 0.48
N ILE A 368 5.26 -10.03 -0.85
CA ILE A 368 4.65 -11.15 -1.55
C ILE A 368 5.41 -11.48 -2.83
N GLN A 369 5.33 -12.74 -3.22
CA GLN A 369 5.70 -13.14 -4.57
C GLN A 369 4.68 -14.17 -5.02
N ARG A 370 4.28 -14.07 -6.29
CA ARG A 370 3.24 -14.90 -6.86
C ARG A 370 3.81 -15.81 -7.94
N VAL A 371 3.36 -17.05 -7.98
CA VAL A 371 3.89 -18.01 -8.94
C VAL A 371 2.72 -18.68 -9.66
N GLY A 372 2.70 -18.57 -10.98
CA GLY A 372 1.65 -19.14 -11.82
C GLY A 372 0.96 -18.08 -12.65
N CYS A 373 -0.22 -18.45 -13.18
CA CYS A 373 -1.08 -17.55 -13.96
C CYS A 373 -0.30 -16.80 -15.04
N MET A 374 0.54 -17.53 -15.76
CA MET A 374 1.29 -16.95 -16.87
C MET A 374 0.45 -17.01 -18.13
N MET A 375 0.41 -15.88 -18.85
CA MET A 375 -0.31 -15.81 -20.12
C MET A 375 0.64 -15.33 -21.21
N TYR A 383 3.35 -12.45 -19.37
CA TYR A 383 2.94 -11.68 -18.19
C TYR A 383 2.14 -12.54 -17.23
N GLN A 384 2.04 -12.08 -15.99
CA GLN A 384 1.30 -12.76 -14.93
C GLN A 384 0.01 -11.99 -14.66
N SER A 385 -1.10 -12.70 -14.57
CA SER A 385 -2.37 -12.03 -14.31
C SER A 385 -2.43 -11.58 -12.86
N GLY A 386 -3.19 -10.51 -12.62
CA GLY A 386 -3.24 -9.93 -11.30
C GLY A 386 -3.89 -10.84 -10.28
N GLY A 387 -3.41 -10.75 -9.04
CA GLY A 387 -4.01 -11.51 -7.97
C GLY A 387 -3.74 -13.00 -8.00
N CYS A 388 -2.79 -13.45 -8.82
CA CYS A 388 -2.47 -14.87 -8.95
C CYS A 388 -2.17 -15.52 -7.61
N GLY A 389 -3.03 -16.45 -7.19
CA GLY A 389 -2.86 -17.12 -5.93
C GLY A 389 -3.70 -16.55 -4.81
N GLY A 390 -4.33 -15.40 -5.03
CA GLY A 390 -5.24 -14.82 -4.06
C GLY A 390 -4.53 -13.91 -3.08
N PHE A 391 -5.00 -13.88 -1.84
CA PHE A 391 -4.49 -12.94 -0.84
C PHE A 391 -4.12 -13.63 0.47
N GLY A 392 -4.12 -14.97 0.50
CA GLY A 392 -3.66 -15.69 1.66
C GLY A 392 -4.72 -15.92 2.72
N LYS A 393 -6.00 -15.87 2.36
CA LYS A 393 -7.05 -16.09 3.34
C LYS A 393 -7.00 -17.52 3.88
N GLY A 394 -6.43 -18.46 3.12
CA GLY A 394 -6.27 -19.80 3.62
C GLY A 394 -5.28 -19.91 4.76
N ASN A 395 -4.42 -18.91 4.92
CA ASN A 395 -3.39 -18.98 5.95
C ASN A 395 -3.94 -18.71 7.36
N PHE A 396 -5.16 -18.16 7.47
CA PHE A 396 -5.78 -18.02 8.78
C PHE A 396 -5.95 -19.38 9.45
N SER A 397 -6.69 -20.28 8.78
CA SER A 397 -6.97 -21.58 9.37
C SER A 397 -5.73 -22.45 9.47
N GLU A 398 -4.86 -22.38 8.45
CA GLU A 398 -3.68 -23.25 8.45
C GLU A 398 -2.68 -22.83 9.53
N LEU A 399 -2.64 -21.55 9.87
CA LEU A 399 -1.82 -21.12 10.99
C LEU A 399 -2.40 -21.61 12.31
N PHE A 400 -3.72 -21.48 12.48
CA PHE A 400 -4.38 -22.00 13.67
C PHE A 400 -4.14 -23.50 13.79
N LYS A 401 -4.32 -24.23 12.68
CA LYS A 401 -4.08 -25.68 12.69
C LYS A 401 -2.65 -25.98 13.12
N SER A 402 -1.68 -25.24 12.57
CA SER A 402 -0.28 -25.52 12.85
C SER A 402 0.08 -25.26 14.31
N ILE A 403 -0.47 -24.20 14.89
CA ILE A 403 -0.18 -23.88 16.29
C ILE A 403 -0.71 -24.98 17.20
N GLU A 404 -1.96 -25.37 17.01
CA GLU A 404 -2.53 -26.47 17.79
C GLU A 404 -1.79 -27.78 17.54
N GLU A 405 -1.38 -28.01 16.30
CA GLU A 405 -0.57 -29.18 15.97
C GLU A 405 0.76 -29.15 16.72
N TYR A 406 1.45 -28.00 16.68
CA TYR A 406 2.75 -27.90 17.33
C TYR A 406 2.63 -27.95 18.85
N GLU A 407 1.49 -27.53 19.40
CA GLU A 407 1.24 -27.68 20.83
C GLU A 407 1.48 -29.13 21.26
N LYS A 408 0.79 -30.06 20.60
CA LYS A 408 1.04 -31.50 20.72
C LYS A 408 1.27 -31.98 22.15
CO CO B . -2.51 -8.81 1.68
C13 O1O C . -7.91 -10.25 2.22
C15 O1O C . -6.59 -10.28 4.32
C20 O1O C . -3.94 -10.00 10.62
C21 O1O C . -2.70 -9.65 11.08
C26 O1O C . -0.26 -9.64 10.68
C1 O1O C . -3.67 -11.25 5.01
C2 O1O C . -3.54 -12.62 4.80
C3 O1O C . -3.24 -13.44 5.87
C4 O1O C . -3.07 -12.92 7.15
C5 O1O C . -3.20 -11.54 7.37
C6 O1O C . -3.50 -10.72 6.29
C7 O1O C . -3.65 -9.21 6.48
C8 O1O C . -3.97 -10.32 3.83
C9 O1O C . -5.38 -9.92 3.43
C11 O1O C . -5.58 -9.33 2.26
C12 O1O C . -6.99 -9.18 1.68
C14 O1O C . -7.99 -10.15 3.73
C19 O1O C . -4.10 -10.61 9.42
C23 O1O C . -1.82 -10.56 9.12
C30 O1O C . -3.48 -13.83 10.06
C31 O1O C . -2.69 -8.95 12.45
F32 O1O C . -3.06 -7.65 12.28
F33 O1O C . -3.64 -9.56 13.24
F34 O1O C . -1.51 -8.98 13.14
N18 O1O C . -3.05 -10.90 8.68
N22 O1O C . -1.65 -9.94 10.32
O10 O1O C . -3.06 -9.87 3.20
O16 O1O C . -4.51 -8.85 1.50
O17 O1O C . -6.44 -10.64 5.43
O24 O1O C . -0.89 -10.82 8.44
O25 O1O C . -5.18 -10.90 9.05
O28 O1O C . -2.91 -15.49 8.01
O29 O1O C . -1.21 -14.15 8.63
S27 O1O C . -2.67 -14.12 8.46
#